data_5X4S
#
_entry.id   5X4S
#
_cell.length_a   73.291
_cell.length_b   73.291
_cell.length_c   240.263
_cell.angle_alpha   90.00
_cell.angle_beta   90.00
_cell.angle_gamma   120.00
#
_symmetry.space_group_name_H-M   'P 61 2 2'
#
loop_
_entity.id
_entity.type
_entity.pdbx_description
1 polymer 'Spike glycoprotein'
2 branched 2-acetamido-2-deoxy-beta-D-glucopyranose-(1-4)-2-acetamido-2-deoxy-beta-D-glucopyranose
3 non-polymer 2-acetamido-2-deoxy-beta-D-glucopyranose
4 water water
#
_entity_poly.entity_id   1
_entity_poly.type   'polypeptide(L)'
_entity_poly.pdbx_seq_one_letter_code
;SDLDRCTTFDDVQAPNYTQHTSSMRGVYYPDEIFRSDTLYLTQDLFLPFYSNVTGFHTINHTFDNPVIPFKDGIYFAATE
KSNVVRGWVFGSTMNNKSQSVIIINNSTNVVIRACNFELCDNPFFAVSKPMGTQTHTMIFDNAFNCTFEYISDAFSLDVS
EKSGNFKHLREFVFKNKDGFLYVYKGYQPIDVVRDLPSGFNTLKPIFKLPLGINITNFRAILTAFSPAQDTWGTSAAAYF
VGYLKPTTFMLKYDENGTITDAVDCSQNPLAELKCSVKSHHHHHH
;
_entity_poly.pdbx_strand_id   A
#
# COMPACT_ATOMS: atom_id res chain seq x y z
N ARG A 5 -3.82 19.45 -15.61
CA ARG A 5 -3.79 20.53 -14.63
C ARG A 5 -3.72 19.98 -13.21
N CYS A 6 -2.76 20.46 -12.44
CA CYS A 6 -2.53 20.00 -11.08
C CYS A 6 -3.06 21.01 -10.08
N THR A 7 -3.74 20.51 -9.05
CA THR A 7 -4.40 21.33 -8.05
C THR A 7 -3.84 21.03 -6.67
N THR A 8 -3.47 22.08 -5.94
CA THR A 8 -3.08 21.98 -4.54
C THR A 8 -4.27 22.37 -3.67
N PHE A 9 -4.30 21.82 -2.46
CA PHE A 9 -5.39 22.12 -1.53
C PHE A 9 -5.01 23.31 -0.66
N ASP A 10 -6.04 23.95 -0.10
CA ASP A 10 -5.90 25.31 0.41
C ASP A 10 -5.23 25.34 1.79
N ASP A 11 -5.85 24.71 2.79
CA ASP A 11 -5.46 24.85 4.19
C ASP A 11 -5.24 23.48 4.83
N VAL A 12 -4.34 22.70 4.24
CA VAL A 12 -4.09 21.35 4.74
C VAL A 12 -3.31 21.40 6.05
N GLN A 13 -3.74 20.61 7.02
CA GLN A 13 -3.00 20.43 8.26
C GLN A 13 -1.87 19.43 8.03
N ALA A 14 -0.70 19.74 8.60
CA ALA A 14 0.49 18.92 8.44
C ALA A 14 0.27 17.53 9.02
N PRO A 15 0.93 16.51 8.48
CA PRO A 15 0.77 15.16 9.02
C PRO A 15 1.42 15.01 10.39
N ASN A 16 0.81 14.16 11.23
CA ASN A 16 1.30 13.94 12.58
C ASN A 16 2.29 12.79 12.67
N TYR A 17 2.33 11.91 11.65
CA TYR A 17 3.22 10.76 11.62
C TYR A 17 3.04 9.88 12.86
N THR A 18 1.77 9.59 13.16
CA THR A 18 1.44 8.78 14.33
C THR A 18 2.13 7.43 14.25
N GLN A 19 2.46 6.87 15.42
CA GLN A 19 3.09 5.56 15.50
C GLN A 19 2.08 4.51 15.96
N HIS A 20 2.11 3.37 15.28
CA HIS A 20 1.27 2.22 15.59
C HIS A 20 2.16 0.98 15.55
N THR A 21 1.56 -0.19 15.77
CA THR A 21 2.28 -1.46 15.73
C THR A 21 1.82 -2.31 14.56
N SER A 22 2.75 -3.10 14.03
CA SER A 22 2.46 -4.03 12.95
C SER A 22 1.99 -5.39 13.46
N SER A 23 2.06 -5.64 14.77
CA SER A 23 1.73 -6.92 15.36
C SER A 23 2.44 -8.06 14.63
N MET A 24 1.69 -8.96 14.02
CA MET A 24 2.24 -10.08 13.26
C MET A 24 1.78 -10.02 11.81
N ARG A 25 1.78 -8.81 11.24
CA ARG A 25 1.34 -8.60 9.87
C ARG A 25 2.54 -8.42 8.94
N GLY A 26 2.27 -8.55 7.65
CA GLY A 26 3.29 -8.38 6.64
C GLY A 26 3.89 -9.66 6.10
N VAL A 27 3.56 -10.81 6.68
CA VAL A 27 4.09 -12.07 6.19
C VAL A 27 3.56 -12.33 4.79
N TYR A 28 4.43 -12.80 3.90
CA TYR A 28 4.07 -13.06 2.53
C TYR A 28 4.82 -14.30 2.05
N TYR A 29 4.24 -14.97 1.05
CA TYR A 29 4.92 -16.09 0.41
C TYR A 29 6.19 -15.56 -0.26
N PRO A 30 7.37 -15.91 0.26
CA PRO A 30 8.60 -15.25 -0.20
C PRO A 30 9.00 -15.62 -1.62
N ASP A 31 8.40 -16.63 -2.22
CA ASP A 31 8.74 -17.00 -3.57
C ASP A 31 7.55 -17.76 -4.18
N GLU A 32 7.81 -18.49 -5.24
CA GLU A 32 6.79 -19.23 -5.99
C GLU A 32 6.83 -20.72 -5.71
N ILE A 33 7.75 -21.18 -4.85
CA ILE A 33 7.85 -22.60 -4.53
C ILE A 33 6.64 -23.04 -3.75
N PHE A 34 6.07 -24.19 -4.13
CA PHE A 34 4.89 -24.72 -3.47
C PHE A 34 5.33 -25.69 -2.38
N ARG A 35 5.78 -25.12 -1.27
CA ARG A 35 6.10 -25.91 -0.10
C ARG A 35 4.82 -26.35 0.62
N SER A 36 4.92 -27.45 1.35
CA SER A 36 3.74 -28.02 2.01
C SER A 36 4.17 -28.87 3.19
N ASP A 37 3.40 -28.79 4.27
CA ASP A 37 3.59 -29.60 5.47
C ASP A 37 5.05 -29.57 5.94
N THR A 38 5.55 -28.35 6.16
CA THR A 38 6.96 -28.20 6.51
C THR A 38 7.18 -26.86 7.20
N LEU A 39 8.31 -26.76 7.86
CA LEU A 39 8.82 -25.50 8.41
C LEU A 39 9.97 -25.02 7.54
N TYR A 40 9.98 -23.72 7.24
CA TYR A 40 10.90 -23.17 6.24
C TYR A 40 11.61 -21.95 6.82
N LEU A 41 12.92 -22.07 7.02
CA LEU A 41 13.73 -20.99 7.56
C LEU A 41 14.35 -20.19 6.42
N THR A 42 14.19 -18.88 6.44
CA THR A 42 14.76 -18.04 5.40
C THR A 42 15.20 -16.70 5.98
N GLN A 43 16.16 -16.07 5.32
CA GLN A 43 16.51 -14.68 5.59
C GLN A 43 16.10 -13.85 4.38
N ASP A 44 15.13 -12.96 4.59
CA ASP A 44 14.61 -12.15 3.51
C ASP A 44 14.14 -10.81 4.10
N LEU A 45 13.61 -9.96 3.23
CA LEU A 45 13.11 -8.65 3.65
C LEU A 45 11.73 -8.84 4.26
N PHE A 46 11.67 -8.91 5.59
CA PHE A 46 10.42 -9.09 6.30
C PHE A 46 10.19 -7.91 7.25
N LEU A 47 8.91 -7.67 7.55
CA LEU A 47 8.55 -6.68 8.56
C LEU A 47 8.60 -7.35 9.92
N PRO A 48 9.57 -7.01 10.78
CA PRO A 48 9.67 -7.70 12.08
C PRO A 48 8.40 -7.51 12.89
N PHE A 49 8.12 -8.51 13.74
CA PHE A 49 6.89 -8.50 14.52
C PHE A 49 6.90 -7.35 15.52
N TYR A 50 5.75 -6.69 15.66
CA TYR A 50 5.58 -5.54 16.54
C TYR A 50 6.54 -4.41 16.19
N SER A 51 6.84 -4.26 14.91
CA SER A 51 7.62 -3.12 14.45
C SER A 51 6.78 -1.85 14.55
N ASN A 52 7.46 -0.72 14.62
CA ASN A 52 6.78 0.56 14.55
C ASN A 52 6.29 0.80 13.11
N VAL A 53 5.10 1.36 13.00
CA VAL A 53 4.47 1.62 11.71
C VAL A 53 3.95 3.05 11.72
N THR A 54 4.14 3.76 10.62
CA THR A 54 3.70 5.15 10.54
C THR A 54 2.29 5.21 9.96
N GLY A 55 1.38 5.81 10.72
CA GLY A 55 0.00 5.95 10.31
C GLY A 55 -0.25 7.32 9.70
N PHE A 56 -0.73 7.33 8.47
CA PHE A 56 -1.13 8.53 7.76
C PHE A 56 -2.65 8.53 7.71
N HIS A 57 -3.25 9.49 8.37
CA HIS A 57 -4.70 9.51 8.62
C HIS A 57 -5.32 10.69 7.87
N THR A 58 -6.39 10.42 7.14
CA THR A 58 -7.11 11.44 6.37
C THR A 58 -8.46 11.68 7.03
N ILE A 59 -8.68 12.92 7.50
CA ILE A 59 -9.88 13.30 8.24
C ILE A 59 -9.89 14.81 8.41
N ASN A 60 -11.07 15.42 8.42
CA ASN A 60 -11.23 16.85 8.64
C ASN A 60 -10.41 17.67 7.66
N HIS A 61 -9.53 18.51 8.18
CA HIS A 61 -8.61 19.31 7.36
C HIS A 61 -7.29 18.60 7.10
N THR A 62 -7.19 17.31 7.43
CA THR A 62 -5.96 16.54 7.24
C THR A 62 -6.09 15.67 5.99
N PHE A 63 -5.01 15.61 5.21
CA PHE A 63 -5.01 14.94 3.92
C PHE A 63 -3.57 14.48 3.66
N ASP A 64 -3.15 13.46 4.41
CA ASP A 64 -1.76 13.04 4.41
C ASP A 64 -1.40 12.37 3.10
N ASN A 65 -0.68 13.09 2.24
CA ASN A 65 -0.04 12.40 1.13
C ASN A 65 1.40 12.87 0.90
N PRO A 66 2.32 12.78 1.85
CA PRO A 66 3.67 13.27 1.60
C PRO A 66 4.51 12.23 0.87
N VAL A 67 5.63 12.69 0.32
CA VAL A 67 6.58 11.78 -0.30
C VAL A 67 7.26 10.98 0.80
N ILE A 68 7.26 9.66 0.65
CA ILE A 68 7.73 8.74 1.68
C ILE A 68 8.86 7.91 1.09
N PRO A 69 9.98 7.78 1.79
CA PRO A 69 11.10 6.98 1.25
C PRO A 69 10.73 5.51 1.14
N PHE A 70 11.19 4.87 0.07
CA PHE A 70 10.83 3.48 -0.18
C PHE A 70 11.80 2.53 0.54
N LYS A 71 13.08 2.88 0.56
CA LYS A 71 14.13 2.14 1.27
C LYS A 71 14.21 0.72 0.68
N ASP A 72 14.26 -0.32 1.50
CA ASP A 72 14.39 -1.70 1.03
C ASP A 72 13.06 -2.37 0.76
N GLY A 73 12.00 -1.59 0.58
CA GLY A 73 10.67 -2.16 0.39
C GLY A 73 9.77 -1.84 1.57
N ILE A 74 8.46 -1.92 1.33
CA ILE A 74 7.50 -1.44 2.32
C ILE A 74 6.38 -2.45 2.52
N TYR A 75 5.81 -2.43 3.72
CA TYR A 75 4.48 -2.94 4.00
C TYR A 75 3.52 -1.76 4.05
N PHE A 76 2.36 -1.92 3.40
CA PHE A 76 1.41 -0.82 3.25
C PHE A 76 0.02 -1.36 3.52
N ALA A 77 -0.60 -0.89 4.60
CA ALA A 77 -1.97 -1.29 4.94
C ALA A 77 -2.91 -0.10 4.79
N ALA A 78 -4.19 -0.41 4.60
CA ALA A 78 -5.21 0.62 4.46
C ALA A 78 -6.49 0.13 5.12
N THR A 79 -7.01 0.93 6.06
CA THR A 79 -8.30 0.69 6.69
C THR A 79 -9.33 1.59 6.02
N GLU A 80 -10.37 0.98 5.47
CA GLU A 80 -11.23 1.66 4.51
C GLU A 80 -12.70 1.36 4.76
N LYS A 81 -13.53 2.35 4.45
CA LYS A 81 -14.96 2.16 4.28
C LYS A 81 -15.52 2.92 3.09
N SER A 82 -14.78 3.88 2.53
CA SER A 82 -15.24 4.66 1.39
C SER A 82 -14.26 4.63 0.21
N ASN A 83 -13.37 3.64 0.16
CA ASN A 83 -12.43 3.46 -0.96
C ASN A 83 -11.60 4.72 -1.20
N VAL A 84 -11.00 5.24 -0.13
CA VAL A 84 -10.25 6.49 -0.24
C VAL A 84 -8.87 6.24 -0.85
N VAL A 85 -8.08 5.36 -0.24
CA VAL A 85 -6.77 5.03 -0.77
C VAL A 85 -6.96 4.28 -2.08
N ARG A 86 -6.57 4.90 -3.19
CA ARG A 86 -6.81 4.32 -4.50
C ARG A 86 -5.55 3.88 -5.23
N GLY A 87 -4.37 4.37 -4.84
CA GLY A 87 -3.18 3.89 -5.50
C GLY A 87 -1.90 4.45 -4.91
N TRP A 88 -0.83 4.32 -5.71
CA TRP A 88 0.49 4.81 -5.33
C TRP A 88 1.23 5.26 -6.58
N VAL A 89 2.16 6.19 -6.39
CA VAL A 89 3.19 6.54 -7.37
C VAL A 89 4.52 6.09 -6.80
N PHE A 90 5.22 5.22 -7.53
CA PHE A 90 6.55 4.78 -7.15
C PHE A 90 7.57 5.40 -8.09
N GLY A 91 8.62 5.99 -7.53
CA GLY A 91 9.64 6.61 -8.33
C GLY A 91 10.83 7.09 -7.52
N SER A 92 11.47 8.18 -7.97
CA SER A 92 12.60 8.74 -7.26
C SER A 92 12.45 10.25 -7.12
N THR A 93 12.74 10.99 -8.18
CA THR A 93 12.60 12.44 -8.14
C THR A 93 11.15 12.89 -8.01
N MET A 94 10.20 12.01 -8.32
CA MET A 94 8.78 12.35 -8.39
C MET A 94 8.53 13.53 -9.33
N ASN A 95 9.44 13.71 -10.28
CA ASN A 95 9.38 14.71 -11.33
C ASN A 95 9.13 14.03 -12.67
N ASN A 96 9.15 14.83 -13.74
CA ASN A 96 9.23 14.26 -15.07
C ASN A 96 10.67 14.23 -15.60
N LYS A 97 11.65 14.42 -14.70
CA LYS A 97 13.05 14.17 -15.00
C LYS A 97 13.45 12.71 -14.84
N SER A 98 12.56 11.87 -14.32
CA SER A 98 12.86 10.46 -14.09
C SER A 98 11.62 9.63 -14.36
N GLN A 99 11.80 8.31 -14.33
CA GLN A 99 10.71 7.37 -14.57
C GLN A 99 9.94 7.11 -13.28
N SER A 100 8.62 7.04 -13.40
CA SER A 100 7.73 6.69 -12.30
C SER A 100 6.67 5.73 -12.81
N VAL A 101 6.20 4.86 -11.91
CA VAL A 101 5.12 3.93 -12.21
C VAL A 101 3.94 4.26 -11.30
N ILE A 102 2.76 4.41 -11.90
CA ILE A 102 1.53 4.67 -11.19
C ILE A 102 0.71 3.39 -11.15
N ILE A 103 0.22 3.04 -9.96
CA ILE A 103 -0.58 1.84 -9.75
C ILE A 103 -1.86 2.27 -9.03
N ILE A 104 -2.99 2.28 -9.74
CA ILE A 104 -4.21 2.87 -9.22
C ILE A 104 -5.43 2.03 -9.58
N ASN A 105 -6.49 2.25 -8.81
CA ASN A 105 -7.84 1.82 -9.14
C ASN A 105 -8.67 3.08 -9.33
N ASN A 106 -9.07 3.35 -10.58
CA ASN A 106 -9.77 4.58 -10.91
C ASN A 106 -11.28 4.39 -10.98
N SER A 107 -11.81 3.38 -10.29
CA SER A 107 -13.22 3.03 -10.11
C SER A 107 -13.78 2.20 -11.27
N THR A 108 -13.04 2.01 -12.36
CA THR A 108 -13.51 1.12 -13.43
C THR A 108 -12.43 0.14 -13.84
N ASN A 109 -11.16 0.52 -13.70
CA ASN A 109 -10.05 -0.34 -14.09
C ASN A 109 -8.90 -0.16 -13.12
N VAL A 110 -8.06 -1.19 -13.04
CA VAL A 110 -6.77 -1.10 -12.37
C VAL A 110 -5.74 -0.76 -13.43
N VAL A 111 -5.04 0.36 -13.24
CA VAL A 111 -4.10 0.89 -14.22
C VAL A 111 -2.71 0.88 -13.62
N ILE A 112 -1.74 0.38 -14.39
CA ILE A 112 -0.32 0.41 -14.03
C ILE A 112 0.42 0.99 -15.22
N ARG A 113 1.01 2.16 -15.04
CA ARG A 113 1.67 2.86 -16.14
C ARG A 113 3.03 3.38 -15.69
N ALA A 114 4.09 2.96 -16.37
CA ALA A 114 5.44 3.44 -16.11
C ALA A 114 5.84 4.38 -17.24
N CYS A 115 5.98 5.67 -16.91
CA CYS A 115 6.31 6.72 -17.86
C CYS A 115 7.17 7.77 -17.15
N ASN A 116 7.62 8.76 -17.91
CA ASN A 116 8.15 10.00 -17.33
C ASN A 116 6.95 10.92 -17.09
N PHE A 117 6.42 10.87 -15.87
CA PHE A 117 5.18 11.57 -15.54
C PHE A 117 5.46 12.96 -14.99
N GLU A 118 4.65 13.93 -15.41
CA GLU A 118 4.61 15.24 -14.78
C GLU A 118 3.62 15.14 -13.62
N LEU A 119 4.08 14.54 -12.53
CA LEU A 119 3.22 14.25 -11.39
C LEU A 119 2.67 15.53 -10.77
N CYS A 120 1.41 15.47 -10.37
CA CYS A 120 0.86 16.49 -9.49
C CYS A 120 1.42 16.29 -8.08
N ASP A 121 1.88 17.38 -7.47
CA ASP A 121 2.38 17.28 -6.10
C ASP A 121 1.27 16.90 -5.14
N ASN A 122 0.02 17.19 -5.49
CA ASN A 122 -1.15 16.79 -4.71
C ASN A 122 -2.06 15.96 -5.62
N PRO A 123 -1.68 14.71 -5.91
CA PRO A 123 -2.49 13.89 -6.82
C PRO A 123 -3.67 13.26 -6.09
N PHE A 124 -4.83 13.31 -6.72
CA PHE A 124 -6.01 12.83 -6.03
C PHE A 124 -7.11 12.50 -7.04
N PHE A 125 -7.99 11.59 -6.63
CA PHE A 125 -9.31 11.48 -7.22
C PHE A 125 -10.27 12.35 -6.44
N ALA A 126 -11.33 12.81 -7.09
CA ALA A 126 -12.29 13.71 -6.46
C ALA A 126 -13.70 13.19 -6.70
N VAL A 127 -14.47 13.08 -5.61
CA VAL A 127 -15.80 12.49 -5.62
C VAL A 127 -16.80 13.48 -5.06
N SER A 128 -17.95 13.58 -5.70
CA SER A 128 -19.02 14.48 -5.25
C SER A 128 -19.74 13.82 -4.08
N LYS A 129 -19.63 14.42 -2.90
CA LYS A 129 -20.32 13.89 -1.72
C LYS A 129 -21.84 13.86 -1.89
N PRO A 130 -22.51 14.89 -2.45
CA PRO A 130 -23.95 14.76 -2.66
C PRO A 130 -24.32 13.79 -3.77
N MET A 131 -23.61 13.86 -4.90
CA MET A 131 -23.92 12.96 -6.02
C MET A 131 -23.34 11.57 -5.85
N GLY A 132 -22.35 11.39 -4.99
CA GLY A 132 -21.81 10.07 -4.75
C GLY A 132 -21.05 9.46 -5.91
N THR A 133 -20.67 10.26 -6.90
CA THR A 133 -19.99 9.79 -8.09
C THR A 133 -18.63 10.45 -8.21
N GLN A 134 -17.69 9.72 -8.80
CA GLN A 134 -16.35 10.25 -9.03
C GLN A 134 -16.39 11.33 -10.11
N THR A 135 -15.90 12.52 -9.77
CA THR A 135 -15.94 13.65 -10.68
C THR A 135 -14.60 13.95 -11.33
N HIS A 136 -13.51 13.91 -10.56
CA HIS A 136 -12.21 14.31 -11.09
C HIS A 136 -11.18 13.20 -10.87
N THR A 137 -10.18 13.17 -11.75
CA THR A 137 -9.00 12.34 -11.59
C THR A 137 -7.81 13.21 -11.98
N MET A 138 -7.08 13.71 -10.99
CA MET A 138 -6.00 14.68 -11.22
C MET A 138 -4.73 14.14 -10.59
N ILE A 139 -3.96 13.40 -11.39
CA ILE A 139 -2.75 12.74 -10.96
C ILE A 139 -1.51 13.29 -11.66
N PHE A 140 -1.60 13.52 -12.97
CA PHE A 140 -0.50 14.06 -13.73
C PHE A 140 -1.06 14.91 -14.87
N ASP A 141 -0.26 15.88 -15.31
CA ASP A 141 -0.65 16.78 -16.40
C ASP A 141 -0.04 16.40 -17.73
N ASN A 142 1.02 15.58 -17.73
CA ASN A 142 1.69 15.19 -18.96
C ASN A 142 2.49 13.91 -18.70
N ALA A 143 2.79 13.19 -19.78
CA ALA A 143 3.55 11.96 -19.68
C ALA A 143 4.21 11.66 -21.02
N PHE A 144 5.47 11.24 -20.97
CA PHE A 144 6.19 10.84 -22.17
C PHE A 144 7.14 9.71 -21.81
N ASN A 145 7.74 9.11 -22.84
CA ASN A 145 8.64 7.96 -22.69
C ASN A 145 8.00 6.87 -21.83
N CYS A 146 6.76 6.54 -22.17
CA CYS A 146 6.03 5.53 -21.43
C CYS A 146 6.65 4.15 -21.67
N THR A 147 6.99 3.48 -20.58
CA THR A 147 7.68 2.20 -20.65
C THR A 147 6.79 1.01 -20.34
N PHE A 148 5.77 1.17 -19.51
CA PHE A 148 4.93 0.03 -19.16
C PHE A 148 3.47 0.45 -19.17
N GLU A 149 2.61 -0.46 -19.67
CA GLU A 149 1.18 -0.19 -19.83
C GLU A 149 0.39 -1.44 -19.46
N TYR A 150 -0.47 -1.32 -18.45
CA TYR A 150 -1.39 -2.38 -18.06
C TYR A 150 -2.72 -1.76 -17.66
N ILE A 151 -3.81 -2.29 -18.23
CA ILE A 151 -5.17 -1.89 -17.90
C ILE A 151 -5.99 -3.15 -17.71
N SER A 152 -6.57 -3.32 -16.53
CA SER A 152 -7.31 -4.52 -16.20
C SER A 152 -8.65 -4.55 -16.93
N ASP A 153 -9.33 -5.69 -16.81
CA ASP A 153 -10.72 -5.79 -17.25
C ASP A 153 -11.57 -4.81 -16.47
N ALA A 154 -12.65 -4.33 -17.10
CA ALA A 154 -13.48 -3.31 -16.49
C ALA A 154 -14.31 -3.89 -15.35
N PHE A 155 -14.53 -3.06 -14.33
CA PHE A 155 -15.40 -3.41 -13.22
C PHE A 155 -16.15 -2.15 -12.77
N SER A 156 -16.93 -2.29 -11.70
CA SER A 156 -17.72 -1.18 -11.17
C SER A 156 -17.53 -1.15 -9.66
N LEU A 157 -16.87 -0.10 -9.17
CA LEU A 157 -16.54 0.06 -7.76
C LEU A 157 -17.41 1.14 -7.14
N ASP A 158 -17.90 0.90 -5.93
CA ASP A 158 -18.68 1.89 -5.19
C ASP A 158 -17.74 3.00 -4.72
N VAL A 159 -17.94 4.20 -5.28
CA VAL A 159 -17.07 5.33 -4.97
C VAL A 159 -17.62 6.20 -3.85
N SER A 160 -18.89 6.02 -3.47
CA SER A 160 -19.55 6.97 -2.59
C SER A 160 -19.04 6.89 -1.16
N GLU A 161 -19.24 7.98 -0.43
CA GLU A 161 -18.86 8.05 0.97
C GLU A 161 -19.74 7.13 1.80
N LYS A 162 -19.13 6.38 2.72
CA LYS A 162 -19.84 5.48 3.62
C LYS A 162 -19.68 5.95 5.06
N SER A 163 -20.57 5.45 5.91
CA SER A 163 -20.60 5.82 7.33
C SER A 163 -20.35 4.59 8.19
N GLY A 164 -19.87 4.83 9.40
CA GLY A 164 -19.66 3.76 10.36
C GLY A 164 -18.22 3.36 10.52
N ASN A 165 -17.99 2.07 10.80
CA ASN A 165 -16.65 1.55 11.01
C ASN A 165 -15.94 1.30 9.68
N PHE A 166 -14.61 1.29 9.74
CA PHE A 166 -13.82 0.80 8.63
C PHE A 166 -14.10 -0.69 8.43
N LYS A 167 -14.53 -1.06 7.24
CA LYS A 167 -14.96 -2.43 6.98
C LYS A 167 -13.96 -3.25 6.18
N HIS A 168 -12.92 -2.63 5.61
CA HIS A 168 -12.01 -3.32 4.72
C HIS A 168 -10.57 -3.04 5.14
N LEU A 169 -9.79 -4.10 5.31
CA LEU A 169 -8.36 -4.01 5.57
C LEU A 169 -7.62 -4.56 4.35
N ARG A 170 -6.92 -3.67 3.65
CA ARG A 170 -6.20 -4.03 2.44
C ARG A 170 -4.70 -3.87 2.68
N GLU A 171 -3.98 -4.97 2.59
CA GLU A 171 -2.54 -5.01 2.88
C GLU A 171 -1.76 -5.32 1.61
N PHE A 172 -0.56 -4.75 1.52
CA PHE A 172 0.29 -4.87 0.36
C PHE A 172 1.74 -4.92 0.84
N VAL A 173 2.59 -5.56 0.03
CA VAL A 173 4.04 -5.52 0.22
C VAL A 173 4.68 -5.18 -1.11
N PHE A 174 5.52 -4.15 -1.11
CA PHE A 174 6.20 -3.71 -2.32
C PHE A 174 7.70 -3.91 -2.14
N LYS A 175 8.32 -4.66 -3.06
CA LYS A 175 9.75 -4.86 -3.06
C LYS A 175 10.32 -4.55 -4.44
N ASN A 176 11.56 -4.07 -4.47
CA ASN A 176 12.28 -3.84 -5.72
C ASN A 176 13.44 -4.82 -5.73
N LYS A 177 13.29 -5.92 -6.47
CA LYS A 177 14.23 -7.03 -6.43
C LYS A 177 14.53 -7.51 -7.83
N ASP A 178 15.81 -7.63 -8.17
CA ASP A 178 16.28 -8.17 -9.45
C ASP A 178 15.72 -7.40 -10.64
N GLY A 179 15.48 -6.11 -10.46
CA GLY A 179 14.92 -5.29 -11.53
C GLY A 179 13.42 -5.33 -11.63
N PHE A 180 12.75 -6.01 -10.72
CA PHE A 180 11.30 -6.15 -10.74
C PHE A 180 10.67 -5.42 -9.56
N LEU A 181 9.44 -4.98 -9.76
CA LEU A 181 8.60 -4.47 -8.69
C LEU A 181 7.64 -5.58 -8.28
N TYR A 182 7.99 -6.28 -7.20
CA TYR A 182 7.12 -7.29 -6.62
C TYR A 182 6.01 -6.63 -5.81
N VAL A 183 4.77 -6.98 -6.13
CA VAL A 183 3.58 -6.48 -5.45
C VAL A 183 2.84 -7.68 -4.87
N TYR A 184 2.77 -7.75 -3.55
CA TYR A 184 2.01 -8.74 -2.80
C TYR A 184 0.77 -8.09 -2.20
N LYS A 185 -0.29 -8.88 -2.06
CA LYS A 185 -1.59 -8.37 -1.66
C LYS A 185 -2.28 -9.34 -0.70
N GLY A 186 -3.01 -8.77 0.25
CA GLY A 186 -3.90 -9.55 1.10
C GLY A 186 -5.06 -8.67 1.54
N TYR A 187 -6.16 -9.32 1.91
CA TYR A 187 -7.35 -8.61 2.33
C TYR A 187 -7.99 -9.33 3.50
N GLN A 188 -8.61 -8.56 4.39
CA GLN A 188 -9.45 -9.17 5.42
C GLN A 188 -10.46 -8.13 5.88
N PRO A 189 -11.67 -8.57 6.26
CA PRO A 189 -12.67 -7.62 6.77
C PRO A 189 -12.37 -7.23 8.20
N ILE A 190 -12.82 -6.01 8.56
CA ILE A 190 -12.66 -5.47 9.90
C ILE A 190 -13.91 -4.67 10.23
N ASP A 191 -13.99 -4.23 11.50
CA ASP A 191 -14.93 -3.17 11.88
C ASP A 191 -14.30 -2.45 13.07
N VAL A 192 -13.55 -1.39 12.78
CA VAL A 192 -12.84 -0.62 13.78
C VAL A 192 -12.91 0.85 13.39
N VAL A 193 -12.70 1.71 14.37
CA VAL A 193 -12.77 3.15 14.16
C VAL A 193 -11.39 3.79 14.02
N ARG A 194 -10.34 3.12 14.50
CA ARG A 194 -9.01 3.69 14.44
C ARG A 194 -7.99 2.56 14.47
N ASP A 195 -6.72 2.93 14.21
CA ASP A 195 -5.57 2.07 14.40
C ASP A 195 -5.52 0.89 13.44
N LEU A 196 -4.41 0.14 13.46
CA LEU A 196 -4.25 -1.05 12.64
C LEU A 196 -4.46 -2.27 13.52
N PRO A 197 -5.56 -3.01 13.36
CA PRO A 197 -5.88 -4.07 14.34
C PRO A 197 -4.87 -5.19 14.33
N SER A 198 -4.66 -5.78 15.51
CA SER A 198 -3.74 -6.90 15.64
C SER A 198 -4.25 -8.09 14.85
N GLY A 199 -3.34 -8.83 14.24
CA GLY A 199 -3.72 -10.00 13.49
C GLY A 199 -2.56 -10.55 12.70
N PHE A 200 -2.89 -11.53 11.86
CA PHE A 200 -1.91 -12.25 11.03
C PHE A 200 -2.60 -12.59 9.72
N ASN A 201 -2.05 -12.11 8.61
CA ASN A 201 -2.67 -12.32 7.30
C ASN A 201 -1.56 -12.42 6.27
N THR A 202 -1.32 -13.63 5.76
CA THR A 202 -0.28 -13.81 4.76
C THR A 202 -0.69 -13.15 3.44
N LEU A 203 0.28 -12.50 2.80
CA LEU A 203 0.04 -11.80 1.55
C LEU A 203 0.53 -12.66 0.38
N LYS A 204 -0.19 -12.56 -0.74
CA LYS A 204 0.14 -13.37 -1.90
C LYS A 204 0.63 -12.49 -3.05
N PRO A 205 1.56 -12.99 -3.86
CA PRO A 205 2.06 -12.19 -5.00
C PRO A 205 0.98 -12.01 -6.05
N ILE A 206 0.72 -10.76 -6.39
CA ILE A 206 -0.20 -10.43 -7.47
C ILE A 206 0.51 -9.81 -8.66
N PHE A 207 1.65 -9.16 -8.47
CA PHE A 207 2.36 -8.57 -9.60
C PHE A 207 3.86 -8.78 -9.48
N LYS A 208 4.50 -9.05 -10.62
CA LYS A 208 5.96 -9.12 -10.73
C LYS A 208 6.32 -8.23 -11.92
N LEU A 209 6.39 -6.93 -11.67
CA LEU A 209 6.42 -5.94 -12.75
C LEU A 209 7.83 -5.78 -13.29
N PRO A 210 8.08 -6.06 -14.66
CA PRO A 210 9.41 -5.88 -15.27
C PRO A 210 9.68 -4.42 -15.65
N LEU A 211 9.64 -3.55 -14.65
CA LEU A 211 9.82 -2.11 -14.88
C LEU A 211 11.30 -1.72 -14.98
N GLY A 212 12.14 -2.23 -14.08
CA GLY A 212 13.54 -1.87 -14.10
C GLY A 212 13.79 -0.39 -13.85
N ILE A 213 13.05 0.20 -12.91
CA ILE A 213 13.14 1.63 -12.64
C ILE A 213 13.69 1.83 -11.22
N ASN A 214 14.25 3.01 -11.00
CA ASN A 214 14.81 3.40 -9.71
C ASN A 214 13.68 3.90 -8.82
N ILE A 215 13.41 3.17 -7.74
CA ILE A 215 12.30 3.47 -6.84
C ILE A 215 12.88 3.76 -5.45
N THR A 216 13.07 5.03 -5.14
CA THR A 216 13.52 5.44 -3.82
C THR A 216 12.44 6.14 -3.00
N ASN A 217 11.33 6.55 -3.62
CA ASN A 217 10.26 7.25 -2.95
C ASN A 217 8.93 6.81 -3.54
N PHE A 218 7.85 7.08 -2.79
CA PHE A 218 6.51 6.81 -3.27
C PHE A 218 5.55 7.80 -2.62
N ARG A 219 4.36 7.90 -3.20
CA ARG A 219 3.32 8.77 -2.67
C ARG A 219 1.97 8.09 -2.82
N ALA A 220 1.13 8.22 -1.79
CA ALA A 220 -0.20 7.63 -1.84
C ALA A 220 -1.14 8.49 -2.68
N ILE A 221 -1.95 7.83 -3.50
CA ILE A 221 -2.96 8.49 -4.31
C ILE A 221 -4.31 8.22 -3.66
N LEU A 222 -4.91 9.30 -3.14
CA LEU A 222 -6.07 9.27 -2.26
C LEU A 222 -7.30 9.85 -2.95
N THR A 223 -8.36 10.03 -2.16
CA THR A 223 -9.65 10.48 -2.65
C THR A 223 -10.14 11.63 -1.79
N ALA A 224 -10.40 12.78 -2.42
CA ALA A 224 -11.02 13.93 -1.78
C ALA A 224 -12.51 13.94 -2.08
N PHE A 225 -13.31 14.32 -1.09
CA PHE A 225 -14.76 14.29 -1.17
C PHE A 225 -15.27 15.72 -1.05
N SER A 226 -15.94 16.20 -2.10
CA SER A 226 -16.38 17.58 -2.20
C SER A 226 -17.90 17.65 -2.27
N PRO A 227 -18.50 18.74 -1.75
CA PRO A 227 -19.93 19.00 -1.90
C PRO A 227 -20.25 19.91 -3.09
N THR A 231 -12.00 23.82 -3.63
CA THR A 231 -13.26 23.39 -3.05
C THR A 231 -13.19 21.92 -2.67
N TRP A 232 -12.35 21.60 -1.68
CA TRP A 232 -12.03 20.24 -1.32
C TRP A 232 -12.62 19.87 0.03
N GLY A 233 -12.55 18.58 0.33
CA GLY A 233 -12.99 18.02 1.60
C GLY A 233 -12.46 16.62 1.71
N THR A 234 -12.68 16.02 2.89
CA THR A 234 -12.13 14.70 3.19
C THR A 234 -13.22 13.75 3.66
N SER A 235 -12.89 12.47 3.62
CA SER A 235 -13.65 11.41 4.28
C SER A 235 -12.67 10.52 5.02
N ALA A 236 -13.12 9.96 6.13
CA ALA A 236 -12.23 9.28 7.06
C ALA A 236 -11.54 8.09 6.40
N ALA A 237 -10.21 8.04 6.52
CA ALA A 237 -9.43 6.91 6.06
C ALA A 237 -8.08 6.94 6.76
N ALA A 238 -7.30 5.88 6.55
CA ALA A 238 -5.98 5.78 7.14
C ALA A 238 -5.20 4.66 6.45
N TYR A 239 -3.94 4.94 6.14
CA TYR A 239 -3.01 3.92 5.69
C TYR A 239 -1.80 3.90 6.61
N PHE A 240 -1.01 2.84 6.49
CA PHE A 240 0.07 2.55 7.44
C PHE A 240 1.27 2.01 6.67
N VAL A 241 2.44 2.57 6.95
CA VAL A 241 3.67 2.22 6.27
C VAL A 241 4.64 1.59 7.27
N GLY A 242 5.06 0.37 6.99
CA GLY A 242 6.14 -0.26 7.72
C GLY A 242 7.30 -0.54 6.79
N TYR A 243 8.50 -0.69 7.33
CA TYR A 243 9.70 -0.85 6.51
C TYR A 243 10.24 -2.27 6.65
N LEU A 244 10.47 -2.91 5.51
CA LEU A 244 11.03 -4.26 5.51
C LEU A 244 12.50 -4.22 5.91
N LYS A 245 12.91 -5.19 6.71
CA LYS A 245 14.29 -5.31 7.15
C LYS A 245 14.78 -6.72 6.88
N PRO A 246 16.08 -6.88 6.61
CA PRO A 246 16.64 -8.23 6.43
C PRO A 246 16.57 -9.04 7.71
N THR A 247 15.66 -10.00 7.78
CA THR A 247 15.44 -10.78 8.98
C THR A 247 15.27 -12.24 8.62
N THR A 248 15.47 -13.10 9.62
CA THR A 248 15.27 -14.53 9.49
C THR A 248 13.91 -14.91 10.05
N PHE A 249 13.04 -15.45 9.21
CA PHE A 249 11.73 -15.91 9.59
C PHE A 249 11.65 -17.42 9.41
N MET A 250 10.81 -18.06 10.24
CA MET A 250 10.46 -19.47 10.07
C MET A 250 8.98 -19.52 9.71
N LEU A 251 8.69 -19.89 8.46
CA LEU A 251 7.33 -19.94 7.95
C LEU A 251 6.82 -21.37 8.04
N LYS A 252 5.64 -21.54 8.63
CA LYS A 252 5.01 -22.85 8.76
C LYS A 252 4.05 -23.04 7.59
N TYR A 253 4.46 -23.87 6.63
CA TYR A 253 3.58 -24.27 5.54
C TYR A 253 2.73 -25.45 6.00
N ASP A 254 1.42 -25.26 5.98
CA ASP A 254 0.47 -26.28 6.43
C ASP A 254 0.35 -27.38 5.37
N GLU A 255 -0.45 -28.40 5.70
CA GLU A 255 -0.65 -29.52 4.79
C GLU A 255 -1.33 -29.08 3.50
N ASN A 256 -2.12 -28.01 3.54
CA ASN A 256 -2.78 -27.47 2.35
C ASN A 256 -1.93 -26.44 1.62
N GLY A 257 -0.62 -26.42 1.88
CA GLY A 257 0.24 -25.45 1.23
C GLY A 257 0.10 -24.03 1.69
N THR A 258 -0.65 -23.79 2.76
CA THR A 258 -0.90 -22.44 3.25
C THR A 258 0.09 -22.11 4.37
N ILE A 259 0.60 -20.88 4.34
CA ILE A 259 1.36 -20.35 5.47
C ILE A 259 0.36 -19.94 6.55
N THR A 260 0.26 -20.75 7.60
CA THR A 260 -0.70 -20.51 8.67
C THR A 260 -0.07 -19.91 9.92
N ASP A 261 1.26 -19.87 10.00
CA ASP A 261 1.95 -19.35 11.17
C ASP A 261 3.37 -19.00 10.77
N ALA A 262 3.99 -18.12 11.55
CA ALA A 262 5.36 -17.71 11.29
C ALA A 262 6.01 -17.27 12.60
N VAL A 263 7.32 -17.47 12.67
CA VAL A 263 8.12 -17.07 13.83
C VAL A 263 9.16 -16.07 13.37
N ASP A 264 9.10 -14.87 13.94
CA ASP A 264 10.16 -13.88 13.78
C ASP A 264 11.30 -14.26 14.71
N CYS A 265 12.37 -14.81 14.14
CA CYS A 265 13.44 -15.39 14.95
C CYS A 265 14.23 -14.34 15.72
N SER A 266 14.13 -13.05 15.34
CA SER A 266 14.81 -11.98 16.05
C SER A 266 13.97 -11.36 17.14
N GLN A 267 12.72 -11.82 17.32
CA GLN A 267 11.82 -11.18 18.29
C GLN A 267 12.34 -11.33 19.71
N ASN A 268 12.81 -12.51 20.07
CA ASN A 268 13.34 -12.79 21.40
C ASN A 268 14.04 -14.14 21.38
N PRO A 269 14.89 -14.43 22.37
CA PRO A 269 15.57 -15.74 22.39
C PRO A 269 14.61 -16.92 22.41
N LEU A 270 13.42 -16.79 23.00
CA LEU A 270 12.44 -17.87 22.94
C LEU A 270 12.06 -18.18 21.50
N ALA A 271 11.79 -17.15 20.71
CA ALA A 271 11.58 -17.36 19.28
C ALA A 271 12.84 -17.87 18.61
N GLU A 272 14.00 -17.38 19.05
CA GLU A 272 15.27 -17.74 18.43
C GLU A 272 15.76 -19.10 18.90
N LEU A 273 14.85 -20.01 19.21
CA LEU A 273 15.21 -21.39 19.50
C LEU A 273 15.44 -22.19 18.23
N LYS A 274 16.15 -21.60 17.27
CA LYS A 274 16.64 -22.24 16.03
C LYS A 274 15.72 -22.47 14.79
N CYS A 275 14.45 -22.08 14.75
CA CYS A 275 13.71 -21.26 15.70
C CYS A 275 12.58 -22.09 16.29
N SER A 276 11.86 -21.55 17.27
CA SER A 276 10.74 -22.26 17.90
C SER A 276 9.79 -21.30 18.62
#